data_1ZEL
#
_entry.id   1ZEL
#
_cell.length_a   87.419
_cell.length_b   180.653
_cell.length_c   35.112
_cell.angle_alpha   90.00
_cell.angle_beta   90.00
_cell.angle_gamma   90.00
#
_symmetry.space_group_name_H-M   'P 21 21 2'
#
loop_
_entity.id
_entity.type
_entity.pdbx_description
1 polymer 'hypothetical protein Rv2827c'
2 non-polymer 'SODIUM ION'
3 non-polymer (4S)-2-METHYL-2,4-PENTANEDIOL
4 non-polymer 'FORMIC ACID'
5 non-polymer 'ACETATE ION'
6 water water
#
_entity_poly.entity_id   1
_entity_poly.type   'polypeptide(L)'
_entity_poly.pdbx_seq_one_letter_code
;GAMVVSPAGADRRIPTWASRVVSGLARDRPVVVTKEDLTQRLTEAGCGRDPDSAIRELRRIGWLVQLPVKGTWAFIPPGE
AAISDPYLPLRSWLARDQNAGFMLAGASAAWHLGYLDRQPDGRIPIWLPPAKRLPDGLASYVSVVRIPWNAADTALLAPR
PALLVRRRLDLVAWATGLPALGPEALLVQIATRPASFGPWADLVPHLDDLVADCSDERLERLLSGRPTSAWQRASYLLDS
GGEPARGQALLAKRHTEVMPVTRFTTAHSRDRGESVWAPEYQLVDELVVPLLRVIGKA
;
_entity_poly.pdbx_strand_id   A,B
#
# COMPACT_ATOMS: atom_id res chain seq x y z
N ALA A 2 10.40 35.76 -17.44
CA ALA A 2 9.76 36.53 -16.34
C ALA A 2 9.67 38.01 -16.67
N MET A 3 10.78 38.62 -17.09
CA MET A 3 10.83 40.06 -17.24
C MET A 3 11.27 40.50 -18.63
N VAL A 4 10.79 41.67 -19.02
CA VAL A 4 11.24 42.37 -20.20
C VAL A 4 12.00 43.59 -19.65
N VAL A 5 13.26 43.72 -20.04
CA VAL A 5 14.20 44.68 -19.46
C VAL A 5 14.58 45.75 -20.49
N SER A 6 14.54 47.02 -20.07
CA SER A 6 15.09 48.06 -20.92
C SER A 6 16.62 47.94 -21.00
N PRO A 7 17.16 47.89 -22.23
CA PRO A 7 18.62 47.83 -22.37
C PRO A 7 19.30 49.12 -21.90
N ALA A 8 18.52 50.18 -21.68
CA ALA A 8 19.05 51.45 -21.25
C ALA A 8 19.07 51.65 -19.74
N GLY A 9 18.56 50.70 -18.98
CA GLY A 9 18.41 50.90 -17.55
C GLY A 9 17.18 51.77 -17.25
N ALA A 10 17.01 52.14 -15.99
CA ALA A 10 15.81 52.89 -15.59
C ALA A 10 15.86 54.36 -16.04
N ASP A 11 17.05 54.94 -16.08
CA ASP A 11 17.16 56.33 -16.36
C ASP A 11 17.37 56.52 -17.85
N ARG A 12 16.28 56.78 -18.58
CA ARG A 12 16.32 56.91 -20.05
C ARG A 12 16.10 58.34 -20.53
N ARG A 13 16.88 58.74 -21.53
CA ARG A 13 16.72 60.05 -22.12
C ARG A 13 15.46 60.03 -22.96
N ILE A 14 14.85 61.19 -23.12
CA ILE A 14 13.70 61.32 -23.99
C ILE A 14 14.02 62.42 -24.98
N PRO A 15 14.36 62.04 -26.23
CA PRO A 15 14.61 63.13 -27.19
C PRO A 15 13.33 63.93 -27.38
N THR A 16 13.47 65.23 -27.65
CA THR A 16 12.34 66.12 -27.75
C THR A 16 11.31 65.68 -28.79
N TRP A 17 11.77 65.15 -29.93
CA TRP A 17 10.87 64.66 -30.98
C TRP A 17 9.90 63.63 -30.43
N ALA A 18 10.36 62.84 -29.47
CA ALA A 18 9.59 61.72 -28.89
C ALA A 18 8.85 62.08 -27.60
N SER A 19 8.94 63.33 -27.16
CA SER A 19 8.38 63.70 -25.85
C SER A 19 6.89 63.36 -25.73
N ARG A 20 6.07 63.82 -26.69
CA ARG A 20 4.64 63.55 -26.64
C ARG A 20 4.33 62.08 -26.84
N VAL A 21 5.13 61.39 -27.64
CA VAL A 21 4.91 59.96 -27.88
C VAL A 21 5.13 59.18 -26.59
N VAL A 22 6.24 59.46 -25.93
CA VAL A 22 6.54 58.79 -24.67
C VAL A 22 5.53 59.19 -23.60
N SER A 23 5.19 60.48 -23.52
CA SER A 23 4.24 60.96 -22.50
C SER A 23 2.86 60.34 -22.69
N GLY A 24 2.47 60.15 -23.94
CA GLY A 24 1.17 59.54 -24.23
C GLY A 24 1.12 58.07 -23.84
N LEU A 25 2.19 57.33 -24.14
CA LEU A 25 2.34 55.94 -23.72
C LEU A 25 2.43 55.85 -22.20
N ALA A 26 3.14 56.80 -21.57
CA ALA A 26 3.22 56.85 -20.10
C ALA A 26 1.82 57.09 -19.46
N ARG A 27 0.99 57.92 -20.08
CA ARG A 27 -0.36 58.16 -19.58
C ARG A 27 -1.27 56.94 -19.78
N ASP A 28 -1.17 56.34 -20.96
CA ASP A 28 -2.13 55.32 -21.40
C ASP A 28 -1.76 53.90 -20.99
N ARG A 29 -0.45 53.66 -20.88
CA ARG A 29 0.08 52.35 -20.45
C ARG A 29 -0.62 51.18 -21.16
N PRO A 30 -0.53 51.11 -22.52
CA PRO A 30 -1.08 49.92 -23.17
C PRO A 30 -0.29 48.65 -22.80
N VAL A 31 -0.96 47.49 -22.74
CA VAL A 31 -0.27 46.26 -22.38
C VAL A 31 0.83 45.96 -23.40
N VAL A 32 0.46 46.11 -24.68
CA VAL A 32 1.35 45.86 -25.80
C VAL A 32 1.17 47.05 -26.74
N VAL A 33 2.28 47.50 -27.34
CA VAL A 33 2.25 48.56 -28.35
C VAL A 33 2.36 47.94 -29.74
N THR A 34 1.35 48.11 -30.58
CA THR A 34 1.44 47.64 -31.96
C THR A 34 2.12 48.71 -32.82
N LYS A 35 2.64 48.30 -33.98
CA LYS A 35 3.22 49.26 -34.90
C LYS A 35 2.22 50.34 -35.31
N GLU A 36 0.94 49.94 -35.45
CA GLU A 36 -0.12 50.85 -35.85
C GLU A 36 -0.41 51.87 -34.77
N ASP A 37 -0.37 51.43 -33.52
CA ASP A 37 -0.57 52.30 -32.37
C ASP A 37 0.56 53.33 -32.31
N LEU A 38 1.78 52.88 -32.46
CA LEU A 38 2.91 53.82 -32.46
C LEU A 38 2.83 54.79 -33.63
N THR A 39 2.49 54.29 -34.84
CA THR A 39 2.35 55.15 -36.03
C THR A 39 1.36 56.31 -35.79
N GLN A 40 0.19 55.97 -35.25
CA GLN A 40 -0.84 56.94 -34.94
C GLN A 40 -0.36 57.95 -33.90
N ARG A 41 0.34 57.48 -32.87
CA ARG A 41 0.86 58.35 -31.81
C ARG A 41 1.94 59.31 -32.36
N LEU A 42 2.75 58.84 -33.29
CA LEU A 42 3.71 59.74 -33.93
C LEU A 42 3.01 60.90 -34.63
N THR A 43 2.01 60.56 -35.45
CA THR A 43 1.21 61.54 -36.21
C THR A 43 0.56 62.54 -35.28
N GLU A 44 -0.10 62.03 -34.24
CA GLU A 44 -0.72 62.86 -33.21
C GLU A 44 0.23 63.85 -32.54
N ALA A 45 1.49 63.46 -32.39
CA ALA A 45 2.52 64.29 -31.75
C ALA A 45 3.08 65.36 -32.69
N GLY A 46 2.65 65.32 -33.95
CA GLY A 46 3.13 66.25 -34.97
C GLY A 46 4.51 65.82 -35.42
N CYS A 47 4.83 64.56 -35.14
CA CYS A 47 6.10 63.96 -35.52
C CYS A 47 5.99 63.32 -36.88
N GLY A 48 6.81 63.79 -37.82
CA GLY A 48 6.76 63.28 -39.18
C GLY A 48 7.81 62.22 -39.47
N ARG A 49 8.41 61.67 -38.42
CA ARG A 49 9.36 60.55 -38.56
C ARG A 49 8.74 59.31 -39.17
N ASP A 50 9.53 58.64 -40.02
CA ASP A 50 9.17 57.30 -40.48
C ASP A 50 8.93 56.44 -39.24
N PRO A 51 7.77 55.73 -39.18
CA PRO A 51 7.47 54.87 -38.02
C PRO A 51 8.58 53.86 -37.71
N ASP A 52 9.08 53.16 -38.72
CA ASP A 52 10.17 52.19 -38.52
C ASP A 52 11.41 52.82 -37.89
N SER A 53 11.82 53.96 -38.44
CA SER A 53 12.89 54.78 -37.89
C SER A 53 12.65 55.21 -36.44
N ALA A 54 11.47 55.73 -36.16
CA ALA A 54 11.08 56.12 -34.81
C ALA A 54 11.22 54.96 -33.84
N ILE A 55 10.70 53.80 -34.25
CA ILE A 55 10.73 52.59 -33.41
C ILE A 55 12.16 52.14 -33.12
N ARG A 56 13.00 52.17 -34.16
CA ARG A 56 14.40 51.74 -34.08
C ARG A 56 15.11 52.58 -33.01
N GLU A 57 14.92 53.89 -33.09
CA GLU A 57 15.51 54.79 -32.11
CA GLU A 57 15.50 54.81 -32.12
C GLU A 57 14.94 54.59 -30.71
N LEU A 58 13.62 54.44 -30.63
CA LEU A 58 12.99 54.22 -29.33
C LEU A 58 13.44 52.91 -28.69
N ARG A 59 13.72 51.92 -29.56
CA ARG A 59 14.29 50.63 -29.17
CA ARG A 59 14.28 50.64 -29.12
C ARG A 59 15.72 50.85 -28.66
N ARG A 60 16.50 51.58 -29.43
CA ARG A 60 17.89 51.81 -29.11
C ARG A 60 18.01 52.50 -27.78
N ILE A 61 17.17 53.50 -27.55
CA ILE A 61 17.27 54.25 -26.30
C ILE A 61 16.50 53.63 -25.14
N GLY A 62 15.67 52.62 -25.41
CA GLY A 62 15.23 51.70 -24.34
C GLY A 62 13.78 51.79 -23.93
N TRP A 63 13.00 52.56 -24.69
CA TRP A 63 11.59 52.78 -24.35
C TRP A 63 10.69 51.67 -24.86
N LEU A 64 11.02 51.11 -26.02
CA LEU A 64 10.28 50.00 -26.62
C LEU A 64 11.20 48.79 -26.69
N VAL A 65 10.68 47.61 -26.32
CA VAL A 65 11.42 46.36 -26.43
C VAL A 65 10.62 45.44 -27.32
N GLN A 66 11.26 44.95 -28.37
CA GLN A 66 10.58 44.12 -29.36
C GLN A 66 10.01 42.86 -28.72
N LEU A 67 8.74 42.57 -29.03
CA LEU A 67 8.13 41.32 -28.59
C LEU A 67 8.14 40.26 -29.71
N PRO A 68 7.93 38.98 -29.35
CA PRO A 68 8.09 37.85 -30.30
C PRO A 68 7.18 37.89 -31.51
N VAL A 69 6.01 38.51 -31.38
CA VAL A 69 5.12 38.58 -32.53
C VAL A 69 5.41 39.82 -33.39
N LYS A 70 5.45 39.65 -34.69
CA LYS A 70 5.80 40.77 -35.57
C LYS A 70 4.86 41.95 -35.38
N GLY A 71 5.43 43.13 -35.23
CA GLY A 71 4.64 44.36 -35.19
C GLY A 71 4.14 44.70 -33.79
N THR A 72 4.81 44.14 -32.78
CA THR A 72 4.47 44.40 -31.37
C THR A 72 5.74 44.71 -30.55
N TRP A 73 5.54 45.58 -29.54
CA TRP A 73 6.60 46.02 -28.65
C TRP A 73 6.01 46.16 -27.28
N ALA A 74 6.86 46.07 -26.27
CA ALA A 74 6.51 46.45 -24.92
C ALA A 74 7.06 47.86 -24.62
N PHE A 75 6.22 48.69 -24.04
CA PHE A 75 6.65 50.01 -23.54
C PHE A 75 7.13 49.82 -22.10
N ILE A 76 8.35 50.27 -21.82
CA ILE A 76 8.86 50.23 -20.47
C ILE A 76 8.58 51.63 -19.90
N PRO A 77 7.72 51.71 -18.87
CA PRO A 77 7.24 52.98 -18.39
C PRO A 77 8.29 53.79 -17.65
N PRO A 78 8.13 55.12 -17.64
CA PRO A 78 9.09 55.95 -16.91
C PRO A 78 9.25 55.47 -15.48
N GLY A 79 10.50 55.50 -15.00
CA GLY A 79 10.82 55.12 -13.64
C GLY A 79 10.99 53.64 -13.39
N GLU A 80 10.83 52.82 -14.44
CA GLU A 80 11.03 51.39 -14.31
C GLU A 80 12.11 50.87 -15.23
N ALA A 81 12.85 49.90 -14.74
CA ALA A 81 13.91 49.30 -15.52
C ALA A 81 13.39 48.11 -16.34
N ALA A 82 12.24 47.55 -15.93
CA ALA A 82 11.73 46.33 -16.55
C ALA A 82 10.25 46.15 -16.28
N ILE A 83 9.67 45.20 -16.98
CA ILE A 83 8.29 44.80 -16.79
C ILE A 83 8.34 43.38 -16.22
N SER A 84 7.58 43.14 -15.16
CA SER A 84 7.44 41.79 -14.65
CA SER A 84 7.44 41.78 -14.64
C SER A 84 6.10 41.22 -15.11
N ASP A 85 6.13 40.45 -16.19
CA ASP A 85 4.91 39.87 -16.72
C ASP A 85 5.48 38.75 -17.56
N PRO A 86 5.22 37.49 -17.16
CA PRO A 86 5.79 36.37 -17.89
C PRO A 86 5.02 35.99 -19.14
N TYR A 87 3.85 36.61 -19.36
CA TYR A 87 3.00 36.22 -20.46
C TYR A 87 2.99 37.23 -21.60
N LEU A 88 3.94 38.17 -21.60
CA LEU A 88 3.95 39.17 -22.64
C LEU A 88 4.05 38.60 -24.06
N PRO A 89 4.83 37.50 -24.26
CA PRO A 89 4.76 36.86 -25.59
C PRO A 89 3.34 36.49 -26.05
N LEU A 90 2.51 35.98 -25.14
CA LEU A 90 1.14 35.60 -25.49
C LEU A 90 0.23 36.82 -25.66
N ARG A 91 0.38 37.80 -24.77
CA ARG A 91 -0.34 39.06 -24.96
C ARG A 91 0.04 39.71 -26.27
N SER A 92 1.31 39.60 -26.68
CA SER A 92 1.67 40.19 -27.99
C SER A 92 0.97 39.49 -29.17
N TRP A 93 0.74 38.20 -29.03
CA TRP A 93 -0.06 37.46 -29.99
C TRP A 93 -1.51 37.95 -30.04
N LEU A 94 -2.16 38.08 -28.88
CA LEU A 94 -3.54 38.60 -28.83
C LEU A 94 -3.66 40.02 -29.38
N ALA A 95 -2.56 40.78 -29.26
CA ALA A 95 -2.51 42.15 -29.79
C ALA A 95 -2.64 42.18 -31.30
N ARG A 96 -2.08 41.18 -31.97
CA ARG A 96 -2.21 41.01 -33.42
C ARG A 96 -3.44 40.21 -33.84
N ASP A 97 -3.81 39.20 -33.04
CA ASP A 97 -4.91 38.30 -33.37
C ASP A 97 -5.72 38.03 -32.12
N GLN A 98 -6.85 38.72 -31.99
CA GLN A 98 -7.75 38.52 -30.84
C GLN A 98 -8.31 37.09 -30.79
N ASN A 99 -8.24 36.37 -31.90
CA ASN A 99 -8.72 34.99 -32.00
C ASN A 99 -7.58 33.96 -31.99
N ALA A 100 -6.47 34.31 -31.35
CA ALA A 100 -5.31 33.42 -31.25
C ALA A 100 -5.74 32.01 -30.83
N GLY A 101 -6.66 31.93 -29.88
CA GLY A 101 -7.30 30.66 -29.51
C GLY A 101 -6.53 29.76 -28.56
N PHE A 102 -5.47 30.28 -27.92
CA PHE A 102 -4.66 29.45 -27.03
C PHE A 102 -5.27 29.49 -25.65
N MET A 103 -4.90 28.51 -24.85
CA MET A 103 -5.15 28.56 -23.43
C MET A 103 -3.87 28.18 -22.69
N LEU A 104 -3.56 28.87 -21.59
CA LEU A 104 -2.49 28.44 -20.71
C LEU A 104 -2.76 27.01 -20.30
N ALA A 105 -1.73 26.17 -20.31
CA ALA A 105 -1.89 24.73 -20.02
C ALA A 105 -0.85 24.25 -19.03
N GLY A 106 -0.81 22.93 -18.83
CA GLY A 106 0.27 22.29 -18.07
C GLY A 106 0.61 23.04 -16.82
N ALA A 107 1.92 23.31 -16.63
CA ALA A 107 2.43 23.97 -15.42
C ALA A 107 1.87 25.37 -15.15
N SER A 108 1.56 26.13 -16.19
CA SER A 108 1.00 27.47 -15.95
C SER A 108 -0.40 27.40 -15.40
N ALA A 109 -1.24 26.56 -15.98
CA ALA A 109 -2.59 26.32 -15.49
C ALA A 109 -2.53 25.78 -14.05
N ALA A 110 -1.66 24.79 -13.80
CA ALA A 110 -1.54 24.20 -12.46
C ALA A 110 -1.10 25.23 -11.43
N TRP A 111 -0.22 26.14 -11.85
CA TRP A 111 0.32 27.15 -10.94
C TRP A 111 -0.78 28.08 -10.47
N HIS A 112 -1.56 28.62 -11.40
CA HIS A 112 -2.61 29.57 -11.04
C HIS A 112 -3.81 28.91 -10.36
N LEU A 113 -4.04 27.63 -10.64
CA LEU A 113 -5.10 26.85 -9.98
C LEU A 113 -4.65 26.45 -8.57
N GLY A 114 -3.34 26.55 -8.32
CA GLY A 114 -2.82 26.40 -6.95
C GLY A 114 -2.22 25.05 -6.61
N TYR A 115 -1.88 24.26 -7.63
CA TYR A 115 -1.39 22.91 -7.40
C TYR A 115 0.13 22.78 -7.39
N LEU A 116 0.87 23.89 -7.42
CA LEU A 116 2.32 23.81 -7.48
C LEU A 116 2.96 24.60 -6.38
N ASP A 117 3.98 24.00 -5.77
CA ASP A 117 4.80 24.64 -4.74
C ASP A 117 5.54 25.87 -5.25
N ARG A 118 6.04 25.80 -6.48
CA ARG A 118 6.95 26.82 -7.01
C ARG A 118 6.43 27.35 -8.31
N GLN A 119 6.57 28.66 -8.51
CA GLN A 119 6.25 29.23 -9.81
C GLN A 119 7.11 28.56 -10.87
N PRO A 120 6.46 28.07 -11.92
CA PRO A 120 7.25 27.46 -12.97
C PRO A 120 7.95 28.52 -13.83
N ASP A 121 9.07 28.15 -14.41
CA ASP A 121 9.75 29.03 -15.33
C ASP A 121 9.97 28.27 -16.64
N GLY A 122 10.53 28.94 -17.63
CA GLY A 122 10.78 28.29 -18.90
C GLY A 122 9.76 28.71 -19.92
N ARG A 123 9.69 27.96 -21.01
CA ARG A 123 8.70 28.28 -22.03
C ARG A 123 7.30 28.14 -21.46
N ILE A 124 6.40 28.98 -21.94
CA ILE A 124 5.00 29.00 -21.45
C ILE A 124 4.23 27.87 -22.08
N PRO A 125 3.74 26.92 -21.27
CA PRO A 125 2.92 25.85 -21.81
C PRO A 125 1.51 26.31 -22.16
N ILE A 126 1.13 26.10 -23.41
CA ILE A 126 -0.23 26.40 -23.87
C ILE A 126 -0.85 25.22 -24.58
N TRP A 127 -2.17 25.25 -24.69
CA TRP A 127 -2.90 24.32 -25.54
C TRP A 127 -3.38 25.13 -26.72
N LEU A 128 -3.30 24.55 -27.93
CA LEU A 128 -3.87 25.16 -29.13
C LEU A 128 -4.75 24.13 -29.84
N PRO A 129 -5.90 24.56 -30.38
CA PRO A 129 -6.67 23.62 -31.17
C PRO A 129 -5.93 23.17 -32.45
N PRO A 130 -6.24 21.95 -32.94
CA PRO A 130 -5.60 21.37 -34.13
C PRO A 130 -5.41 22.38 -35.25
N ALA A 131 -6.45 23.17 -35.51
CA ALA A 131 -6.48 24.04 -36.68
C ALA A 131 -5.59 25.30 -36.60
N LYS A 132 -5.08 25.62 -35.41
CA LYS A 132 -4.39 26.91 -35.17
C LYS A 132 -2.87 26.81 -35.24
N ARG A 133 -2.25 27.67 -36.07
CA ARG A 133 -0.77 27.60 -36.12
C ARG A 133 -0.17 28.58 -35.14
N LEU A 134 0.98 28.19 -34.58
CA LEU A 134 1.73 29.06 -33.69
C LEU A 134 2.54 30.00 -34.58
N PRO A 135 2.51 31.32 -34.31
CA PRO A 135 3.37 32.21 -35.09
C PRO A 135 4.84 31.83 -34.82
N ASP A 136 5.66 31.86 -35.87
CA ASP A 136 7.05 31.34 -35.80
C ASP A 136 7.90 32.03 -34.74
N GLY A 137 7.72 33.33 -34.58
CA GLY A 137 8.45 34.08 -33.56
C GLY A 137 8.23 33.57 -32.14
N LEU A 138 7.16 32.79 -31.94
CA LEU A 138 6.77 32.39 -30.58
C LEU A 138 7.36 31.05 -30.12
N ALA A 139 7.90 30.26 -31.06
CA ALA A 139 8.37 28.90 -30.73
C ALA A 139 9.37 28.85 -29.56
N SER A 140 10.26 29.84 -29.47
CA SER A 140 11.26 29.92 -28.40
C SER A 140 10.68 30.28 -27.04
N TYR A 141 9.40 30.66 -27.01
CA TYR A 141 8.77 31.25 -25.82
C TYR A 141 7.64 30.40 -25.25
N VAL A 142 7.14 29.47 -26.05
CA VAL A 142 5.94 28.72 -25.72
CA VAL A 142 5.96 28.68 -25.66
C VAL A 142 6.15 27.23 -26.06
N SER A 143 5.54 26.32 -25.30
CA SER A 143 5.53 24.93 -25.70
C SER A 143 4.06 24.57 -25.90
N VAL A 144 3.74 23.88 -26.99
CA VAL A 144 2.35 23.67 -27.34
C VAL A 144 1.95 22.22 -27.09
N VAL A 145 0.83 22.01 -26.41
CA VAL A 145 0.30 20.67 -26.25
C VAL A 145 -0.91 20.61 -27.18
N ARG A 146 -1.05 19.51 -27.89
CA ARG A 146 -1.98 19.46 -29.01
C ARG A 146 -2.97 18.31 -28.93
N ILE A 147 -3.77 18.30 -27.88
CA ILE A 147 -4.82 17.30 -27.70
C ILE A 147 -6.03 17.81 -28.49
N PRO A 148 -6.62 16.96 -29.37
CA PRO A 148 -7.65 17.46 -30.29
C PRO A 148 -9.02 17.67 -29.67
N TRP A 149 -9.07 18.35 -28.53
CA TRP A 149 -10.34 18.84 -28.03
C TRP A 149 -11.05 19.77 -29.03
N ASN A 150 -12.39 19.71 -28.99
CA ASN A 150 -13.30 20.65 -29.67
C ASN A 150 -13.06 22.11 -29.20
N ALA A 151 -12.40 22.87 -30.07
CA ALA A 151 -12.15 24.30 -29.88
C ALA A 151 -13.44 25.12 -29.65
N ALA A 152 -14.59 24.55 -30.01
CA ALA A 152 -15.86 25.25 -29.86
C ALA A 152 -16.34 25.22 -28.42
N ASP A 153 -15.94 24.19 -27.68
CA ASP A 153 -16.40 23.98 -26.33
C ASP A 153 -15.31 24.39 -25.30
N THR A 154 -15.06 25.70 -25.22
CA THR A 154 -14.05 26.24 -24.30
C THR A 154 -14.61 26.33 -22.87
N ALA A 155 -15.93 26.22 -22.73
CA ALA A 155 -16.60 26.12 -21.43
C ALA A 155 -16.18 24.82 -20.75
N LEU A 156 -15.98 23.78 -21.57
CA LEU A 156 -15.48 22.53 -21.08
C LEU A 156 -14.02 22.66 -20.64
N LEU A 157 -13.20 23.41 -21.39
CA LEU A 157 -11.76 23.47 -21.11
C LEU A 157 -11.41 24.35 -19.92
N ALA A 158 -12.11 25.48 -19.85
CA ALA A 158 -11.92 26.48 -18.81
C ALA A 158 -12.46 25.96 -17.46
N PRO A 159 -11.94 26.47 -16.33
CA PRO A 159 -12.49 26.01 -15.07
C PRO A 159 -13.96 26.42 -14.98
N ARG A 160 -14.74 25.67 -14.19
CA ARG A 160 -16.09 26.08 -13.93
C ARG A 160 -16.04 27.37 -13.13
N PRO A 161 -16.80 28.40 -13.57
CA PRO A 161 -16.91 29.62 -12.76
C PRO A 161 -17.23 29.33 -11.28
N ALA A 162 -18.14 28.40 -11.00
CA ALA A 162 -18.50 28.11 -9.60
C ALA A 162 -17.30 27.58 -8.81
N LEU A 163 -16.39 26.88 -9.50
CA LEU A 163 -15.18 26.39 -8.88
C LEU A 163 -14.28 27.58 -8.51
N LEU A 164 -14.05 28.49 -9.46
CA LEU A 164 -13.29 29.71 -9.21
C LEU A 164 -13.78 30.45 -7.97
N VAL A 165 -15.09 30.62 -7.84
CA VAL A 165 -15.70 31.30 -6.70
C VAL A 165 -15.40 30.57 -5.37
N ARG A 166 -15.61 29.26 -5.37
CA ARG A 166 -15.34 28.42 -4.20
C ARG A 166 -13.86 28.47 -3.84
N ARG A 167 -13.00 28.60 -4.84
CA ARG A 167 -11.55 28.60 -4.64
C ARG A 167 -10.96 29.98 -4.34
N ARG A 168 -11.83 30.99 -4.29
CA ARG A 168 -11.46 32.41 -4.07
C ARG A 168 -10.58 32.92 -5.19
N LEU A 169 -10.80 32.41 -6.41
CA LEU A 169 -10.07 32.90 -7.58
C LEU A 169 -10.95 33.88 -8.37
N ASP A 170 -10.30 34.89 -8.93
CA ASP A 170 -11.02 35.93 -9.60
C ASP A 170 -11.59 35.34 -10.86
N LEU A 171 -12.87 35.60 -11.12
CA LEU A 171 -13.55 34.97 -12.27
C LEU A 171 -12.84 35.22 -13.58
N VAL A 172 -12.20 36.38 -13.69
CA VAL A 172 -11.54 36.78 -14.92
C VAL A 172 -10.03 36.83 -14.85
N ALA A 173 -9.47 37.20 -13.69
CA ALA A 173 -8.02 37.47 -13.62
C ALA A 173 -7.16 36.43 -12.89
N TRP A 174 -7.75 35.28 -12.59
CA TRP A 174 -7.05 34.23 -11.84
C TRP A 174 -5.77 33.72 -12.54
N ALA A 175 -5.75 33.75 -13.89
CA ALA A 175 -4.53 33.42 -14.67
C ALA A 175 -3.99 34.68 -15.37
N THR A 176 -4.09 35.81 -14.65
CA THR A 176 -3.59 37.14 -15.04
C THR A 176 -4.31 37.71 -16.25
N GLY A 177 -5.50 37.18 -16.53
CA GLY A 177 -6.30 37.71 -17.61
C GLY A 177 -6.30 36.90 -18.89
N LEU A 178 -5.48 35.86 -18.96
CA LEU A 178 -5.45 35.01 -20.15
C LEU A 178 -6.34 33.82 -19.93
N PRO A 179 -6.83 33.19 -21.01
CA PRO A 179 -7.60 31.94 -20.96
C PRO A 179 -6.67 30.84 -20.47
N ALA A 180 -7.19 29.95 -19.61
CA ALA A 180 -6.38 28.89 -19.02
C ALA A 180 -7.25 27.66 -18.79
N LEU A 181 -6.62 26.49 -18.89
CA LEU A 181 -7.29 25.22 -18.67
C LEU A 181 -7.73 25.15 -17.21
N GLY A 182 -8.89 24.56 -16.99
CA GLY A 182 -9.33 24.26 -15.65
C GLY A 182 -8.71 22.95 -15.16
N PRO A 183 -9.07 22.53 -13.94
CA PRO A 183 -8.46 21.34 -13.36
C PRO A 183 -8.77 20.08 -14.16
N GLU A 184 -9.99 19.96 -14.67
CA GLU A 184 -10.33 18.78 -15.46
C GLU A 184 -9.47 18.69 -16.72
N ALA A 185 -9.35 19.79 -17.43
CA ALA A 185 -8.57 19.75 -18.68
C ALA A 185 -7.08 19.56 -18.36
N LEU A 186 -6.64 20.14 -17.26
CA LEU A 186 -5.27 19.93 -16.81
C LEU A 186 -5.02 18.45 -16.52
N LEU A 187 -5.93 17.82 -15.77
CA LEU A 187 -5.73 16.45 -15.37
C LEU A 187 -5.73 15.58 -16.62
N VAL A 188 -6.68 15.83 -17.52
CA VAL A 188 -6.74 15.02 -18.74
C VAL A 188 -5.48 15.24 -19.60
N GLN A 189 -4.98 16.46 -19.62
CA GLN A 189 -3.77 16.76 -20.38
C GLN A 189 -2.61 15.91 -19.89
N ILE A 190 -2.38 15.95 -18.57
CA ILE A 190 -1.19 15.31 -18.05
C ILE A 190 -1.34 13.76 -18.01
N ALA A 191 -2.58 13.26 -17.94
CA ALA A 191 -2.83 11.80 -18.08
C ALA A 191 -2.62 11.38 -19.54
N THR A 192 -3.10 12.18 -20.47
CA THR A 192 -3.00 11.84 -21.90
C THR A 192 -1.56 11.85 -22.36
N ARG A 193 -0.83 12.90 -21.97
CA ARG A 193 0.56 13.07 -22.40
C ARG A 193 1.41 13.52 -21.22
N PRO A 194 1.78 12.58 -20.33
CA PRO A 194 2.55 12.97 -19.15
C PRO A 194 3.83 13.74 -19.49
N ALA A 195 4.40 13.53 -20.68
CA ALA A 195 5.69 14.15 -21.05
C ALA A 195 5.50 15.64 -21.38
N SER A 196 4.24 16.05 -21.59
CA SER A 196 3.92 17.42 -21.88
C SER A 196 3.99 18.29 -20.65
N PHE A 197 4.06 17.64 -19.47
CA PHE A 197 4.05 18.38 -18.21
C PHE A 197 5.41 18.24 -17.53
N GLY A 198 5.97 19.37 -17.09
CA GLY A 198 7.33 19.38 -16.56
C GLY A 198 7.48 19.11 -15.06
N PRO A 199 6.92 19.99 -14.21
CA PRO A 199 7.20 19.85 -12.77
C PRO A 199 6.35 18.81 -12.00
N TRP A 200 6.45 17.55 -12.43
CA TRP A 200 5.72 16.48 -11.74
C TRP A 200 5.99 16.41 -10.24
N ALA A 201 7.23 16.55 -9.84
CA ALA A 201 7.57 16.47 -8.40
C ALA A 201 6.91 17.60 -7.63
N ASP A 202 6.72 18.74 -8.29
CA ASP A 202 6.06 19.90 -7.71
CA ASP A 202 6.05 19.88 -7.66
C ASP A 202 4.53 19.68 -7.63
N LEU A 203 4.01 18.88 -8.54
CA LEU A 203 2.56 18.66 -8.60
C LEU A 203 2.11 17.53 -7.66
N VAL A 204 2.86 16.43 -7.66
CA VAL A 204 2.36 15.17 -7.07
C VAL A 204 1.97 15.25 -5.60
N PRO A 205 2.60 16.12 -4.79
CA PRO A 205 2.13 16.26 -3.40
C PRO A 205 0.72 16.86 -3.29
N HIS A 206 0.25 17.49 -4.36
CA HIS A 206 -1.04 18.21 -4.36
C HIS A 206 -2.11 17.57 -5.23
N LEU A 207 -1.97 16.29 -5.56
CA LEU A 207 -3.00 15.58 -6.30
C LEU A 207 -4.34 15.56 -5.57
N ASP A 208 -4.33 15.44 -4.24
CA ASP A 208 -5.61 15.43 -3.51
C ASP A 208 -6.39 16.73 -3.79
N ASP A 209 -5.65 17.84 -3.77
CA ASP A 209 -6.21 19.17 -4.02
C ASP A 209 -6.79 19.24 -5.43
N LEU A 210 -6.04 18.77 -6.42
CA LEU A 210 -6.50 18.78 -7.82
C LEU A 210 -7.78 17.95 -8.01
N VAL A 211 -7.75 16.73 -7.49
CA VAL A 211 -8.79 15.75 -7.69
C VAL A 211 -10.11 16.21 -7.06
N ALA A 212 -10.04 16.79 -5.86
CA ALA A 212 -11.20 17.40 -5.23
C ALA A 212 -11.88 18.51 -6.08
N ASP A 213 -11.14 19.10 -7.00
CA ASP A 213 -11.67 20.20 -7.84
C ASP A 213 -12.22 19.76 -9.18
N CYS A 214 -12.17 18.46 -9.48
CA CYS A 214 -12.58 17.95 -10.78
C CYS A 214 -13.96 17.35 -10.67
N SER A 215 -14.81 17.72 -11.61
CA SER A 215 -16.09 17.07 -11.79
C SER A 215 -15.86 15.87 -12.70
N ASP A 216 -16.35 14.70 -12.28
CA ASP A 216 -16.15 13.50 -13.07
C ASP A 216 -16.89 13.52 -14.42
N GLU A 217 -18.01 14.24 -14.51
CA GLU A 217 -18.67 14.37 -15.82
C GLU A 217 -17.78 15.15 -16.80
N ARG A 218 -17.16 16.22 -16.33
CA ARG A 218 -16.26 17.00 -17.21
C ARG A 218 -15.05 16.18 -17.58
N LEU A 219 -14.50 15.43 -16.62
CA LEU A 219 -13.37 14.53 -16.91
C LEU A 219 -13.73 13.58 -18.05
N GLU A 220 -14.91 12.99 -17.95
CA GLU A 220 -15.34 12.00 -18.90
C GLU A 220 -15.48 12.61 -20.30
N ARG A 221 -16.01 13.82 -20.38
CA ARG A 221 -16.27 14.43 -21.68
C ARG A 221 -14.93 14.86 -22.31
N LEU A 222 -14.00 15.30 -21.47
CA LEU A 222 -12.65 15.65 -21.93
C LEU A 222 -11.78 14.44 -22.29
N LEU A 223 -12.05 13.28 -21.71
CA LEU A 223 -11.39 12.02 -22.08
C LEU A 223 -11.99 11.37 -23.32
N SER A 224 -13.21 11.75 -23.67
CA SER A 224 -13.87 11.14 -24.81
C SER A 224 -13.06 11.31 -26.09
N GLY A 225 -12.52 10.22 -26.60
CA GLY A 225 -11.77 10.26 -27.86
C GLY A 225 -10.27 10.14 -27.60
N ARG A 226 -9.86 10.26 -26.35
CA ARG A 226 -8.48 10.02 -25.97
C ARG A 226 -8.22 8.50 -26.01
N PRO A 227 -6.94 8.10 -26.14
CA PRO A 227 -6.66 6.66 -26.09
C PRO A 227 -7.02 6.07 -24.72
N THR A 228 -7.18 4.76 -24.67
CA THR A 228 -7.57 4.09 -23.41
C THR A 228 -6.56 4.36 -22.32
N SER A 229 -5.28 4.44 -22.69
CA SER A 229 -4.23 4.76 -21.75
C SER A 229 -4.46 6.05 -20.96
N ALA A 230 -5.03 7.06 -21.62
CA ALA A 230 -5.37 8.33 -20.96
C ALA A 230 -6.39 8.13 -19.86
N TRP A 231 -7.40 7.30 -20.17
CA TRP A 231 -8.44 6.95 -19.20
C TRP A 231 -7.84 6.23 -18.02
N GLN A 232 -6.96 5.26 -18.30
CA GLN A 232 -6.26 4.52 -17.22
C GLN A 232 -5.48 5.46 -16.33
N ARG A 233 -4.66 6.30 -16.95
CA ARG A 233 -3.86 7.26 -16.19
C ARG A 233 -4.68 8.29 -15.43
N ALA A 234 -5.76 8.77 -16.04
CA ALA A 234 -6.60 9.78 -15.38
C ALA A 234 -7.29 9.17 -14.19
N SER A 235 -7.74 7.93 -14.35
CA SER A 235 -8.43 7.24 -13.27
C SER A 235 -7.49 6.94 -12.11
N TYR A 236 -6.26 6.55 -12.45
CA TYR A 236 -5.21 6.36 -11.45
C TYR A 236 -4.84 7.66 -10.70
N LEU A 237 -4.87 8.79 -11.40
CA LEU A 237 -4.70 10.09 -10.72
C LEU A 237 -5.82 10.36 -9.69
N LEU A 238 -7.06 10.01 -10.04
CA LEU A 238 -8.14 10.12 -9.05
C LEU A 238 -7.83 9.29 -7.83
N ASP A 239 -7.39 8.05 -8.07
CA ASP A 239 -7.04 7.10 -7.01
C ASP A 239 -5.94 7.68 -6.14
N SER A 240 -4.88 8.15 -6.80
CA SER A 240 -3.73 8.78 -6.14
C SER A 240 -4.10 10.05 -5.34
N GLY A 241 -5.15 10.75 -5.76
CA GLY A 241 -5.64 11.91 -5.02
C GLY A 241 -6.63 11.53 -3.96
N GLY A 242 -6.64 10.25 -3.62
CA GLY A 242 -7.45 9.73 -2.53
C GLY A 242 -8.88 9.35 -2.89
N GLU A 243 -9.17 9.16 -4.17
CA GLU A 243 -10.55 8.85 -4.56
C GLU A 243 -10.60 7.60 -5.43
N PRO A 244 -10.27 6.43 -4.85
CA PRO A 244 -10.24 5.18 -5.62
C PRO A 244 -11.60 4.82 -6.24
N ALA A 245 -12.69 5.05 -5.51
CA ALA A 245 -14.02 4.74 -6.03
C ALA A 245 -14.32 5.58 -7.27
N ARG A 246 -14.01 6.88 -7.22
CA ARG A 246 -14.22 7.76 -8.39
C ARG A 246 -13.38 7.31 -9.56
N GLY A 247 -12.13 6.93 -9.28
CA GLY A 247 -11.21 6.48 -10.34
C GLY A 247 -11.70 5.24 -11.07
N GLN A 248 -12.18 4.25 -10.30
CA GLN A 248 -12.70 3.02 -10.90
C GLN A 248 -14.01 3.26 -11.67
N ALA A 249 -14.83 4.18 -11.19
CA ALA A 249 -16.08 4.52 -11.88
C ALA A 249 -15.78 5.25 -13.18
N LEU A 250 -14.79 6.12 -13.16
CA LEU A 250 -14.43 6.87 -14.35
C LEU A 250 -13.89 5.89 -15.36
N LEU A 251 -13.04 4.96 -14.90
CA LEU A 251 -12.40 4.04 -15.84
C LEU A 251 -13.44 3.15 -16.50
N ALA A 252 -14.48 2.80 -15.76
CA ALA A 252 -15.57 1.99 -16.31
C ALA A 252 -16.35 2.66 -17.44
N LYS A 253 -16.14 3.96 -17.65
CA LYS A 253 -16.90 4.70 -18.68
C LYS A 253 -16.13 4.87 -20.00
N ARG A 254 -14.97 4.24 -20.08
CA ARG A 254 -14.10 4.29 -21.27
C ARG A 254 -14.84 3.66 -22.45
N HIS A 255 -14.42 4.01 -23.67
CA HIS A 255 -15.11 3.50 -24.84
C HIS A 255 -14.65 2.12 -25.24
N THR A 256 -13.39 1.77 -24.95
CA THR A 256 -12.86 0.48 -25.40
C THR A 256 -12.70 -0.51 -24.24
N GLU A 257 -13.31 -1.69 -24.38
CA GLU A 257 -13.33 -2.68 -23.30
C GLU A 257 -11.97 -3.24 -22.95
N VAL A 258 -11.22 -3.70 -23.95
CA VAL A 258 -9.93 -4.35 -23.69
C VAL A 258 -8.92 -3.32 -23.30
N MET A 259 -8.17 -3.62 -22.25
CA MET A 259 -7.31 -2.65 -21.63
C MET A 259 -5.90 -3.19 -21.57
N PRO A 260 -5.08 -2.88 -22.59
CA PRO A 260 -3.64 -3.21 -22.53
C PRO A 260 -3.00 -2.61 -21.29
N VAL A 261 -1.87 -3.17 -20.84
CA VAL A 261 -1.18 -2.57 -19.67
C VAL A 261 -0.55 -1.25 -20.13
N THR A 262 -0.66 -0.21 -19.33
CA THR A 262 -0.04 1.06 -19.70
C THR A 262 0.97 1.49 -18.66
N ARG A 263 1.98 2.25 -19.08
CA ARG A 263 2.96 2.82 -18.15
CA ARG A 263 2.96 2.83 -18.16
C ARG A 263 2.62 4.27 -17.90
N PHE A 264 2.80 4.70 -16.65
CA PHE A 264 2.65 6.09 -16.27
C PHE A 264 4.07 6.56 -16.11
N THR A 265 4.57 7.26 -17.11
CA THR A 265 5.99 7.61 -17.17
C THR A 265 6.16 8.82 -18.09
N THR A 266 7.20 9.63 -17.85
CA THR A 266 7.53 10.72 -18.77
C THR A 266 8.57 10.27 -19.80
N ALA A 267 9.19 9.12 -19.51
CA ALA A 267 10.18 8.48 -20.36
C ALA A 267 10.53 7.16 -19.66
N HIS A 268 10.08 6.05 -20.21
CA HIS A 268 10.35 4.74 -19.61
C HIS A 268 11.86 4.36 -19.60
N SER A 269 12.33 3.86 -18.46
CA SER A 269 13.67 3.26 -18.34
C SER A 269 13.67 2.05 -17.41
N GLY A 273 14.74 3.98 -11.94
CA GLY A 273 13.96 4.30 -10.74
C GLY A 273 13.28 3.07 -10.14
N GLU A 274 11.97 3.20 -9.88
CA GLU A 274 11.18 2.12 -9.29
C GLU A 274 9.74 2.22 -9.83
N SER A 275 8.90 1.21 -9.56
CA SER A 275 7.53 1.20 -10.10
C SER A 275 6.56 0.44 -9.21
N VAL A 276 5.28 0.80 -9.30
CA VAL A 276 4.19 0.22 -8.52
C VAL A 276 3.19 -0.31 -9.54
N TRP A 277 2.54 -1.42 -9.24
CA TRP A 277 1.55 -2.03 -10.14
C TRP A 277 0.17 -1.72 -9.62
N ALA A 278 -0.68 -1.14 -10.47
CA ALA A 278 -2.07 -0.87 -10.13
C ALA A 278 -3.04 -1.66 -11.02
N PRO A 279 -3.35 -2.92 -10.65
CA PRO A 279 -4.15 -3.77 -11.54
C PRO A 279 -5.57 -3.22 -11.81
N GLU A 280 -6.10 -2.41 -10.90
CA GLU A 280 -7.41 -1.78 -11.06
CA GLU A 280 -7.43 -1.81 -11.10
C GLU A 280 -7.45 -0.93 -12.34
N TYR A 281 -6.29 -0.41 -12.75
CA TYR A 281 -6.20 0.49 -13.90
C TYR A 281 -5.30 -0.08 -15.00
N GLN A 282 -4.90 -1.34 -14.82
CA GLN A 282 -3.90 -2.01 -15.64
C GLN A 282 -2.74 -1.08 -15.91
N LEU A 283 -2.14 -0.59 -14.83
CA LEU A 283 -1.18 0.48 -14.94
C LEU A 283 0.06 0.18 -14.12
N VAL A 284 1.20 0.38 -14.76
CA VAL A 284 2.50 0.36 -14.08
C VAL A 284 2.90 1.83 -13.87
N ASP A 285 2.96 2.24 -12.61
CA ASP A 285 3.28 3.61 -12.26
C ASP A 285 4.79 3.77 -12.03
N GLU A 286 5.46 4.46 -12.96
CA GLU A 286 6.89 4.74 -12.85
C GLU A 286 7.15 6.18 -12.46
N LEU A 287 6.07 6.89 -12.15
CA LEU A 287 6.14 8.33 -11.99
C LEU A 287 5.57 8.88 -10.69
N VAL A 288 4.28 8.68 -10.47
CA VAL A 288 3.59 9.36 -9.38
C VAL A 288 4.12 8.89 -8.02
N VAL A 289 3.92 7.61 -7.72
CA VAL A 289 4.43 7.04 -6.44
C VAL A 289 5.98 7.08 -6.32
N PRO A 290 6.71 6.69 -7.38
CA PRO A 290 8.18 6.86 -7.33
C PRO A 290 8.69 8.29 -7.02
N LEU A 291 8.04 9.33 -7.57
CA LEU A 291 8.36 10.71 -7.17
C LEU A 291 8.01 10.99 -5.71
N LEU A 292 6.82 10.55 -5.28
CA LEU A 292 6.41 10.72 -3.88
C LEU A 292 7.40 10.05 -2.93
N ARG A 293 7.96 8.93 -3.37
CA ARG A 293 8.99 8.21 -2.61
C ARG A 293 10.31 8.96 -2.50
N VAL A 294 10.74 9.63 -3.57
CA VAL A 294 11.97 10.42 -3.54
C VAL A 294 11.76 11.65 -2.65
N ILE A 295 10.58 12.27 -2.78
CA ILE A 295 10.21 13.47 -2.01
C ILE A 295 10.18 13.23 -0.49
N GLY A 296 9.68 12.07 -0.06
CA GLY A 296 9.63 11.71 1.36
C GLY A 296 11.00 11.48 1.98
N LYS A 297 11.95 10.98 1.15
CA LYS A 297 13.33 10.73 1.59
C LYS A 297 14.08 12.05 1.78
N GLY B 1 11.17 -21.37 27.82
CA GLY B 1 10.25 -21.48 26.65
C GLY B 1 10.74 -20.70 25.44
N ALA B 2 10.10 -20.90 24.28
CA ALA B 2 10.51 -20.26 23.04
C ALA B 2 10.32 -18.75 23.08
N MET B 3 11.32 -18.05 22.52
CA MET B 3 11.38 -16.61 22.49
C MET B 3 11.82 -16.19 21.10
N VAL B 4 11.30 -15.07 20.65
CA VAL B 4 11.77 -14.40 19.44
C VAL B 4 12.53 -13.13 19.88
N VAL B 5 13.81 -13.02 19.49
CA VAL B 5 14.71 -12.03 20.07
C VAL B 5 15.10 -10.99 19.04
N SER B 6 15.06 -9.71 19.41
CA SER B 6 15.53 -8.70 18.47
C SER B 6 17.05 -8.79 18.41
N PRO B 7 17.62 -8.88 17.19
CA PRO B 7 19.07 -8.93 17.10
C PRO B 7 19.74 -7.63 17.57
N ALA B 8 18.97 -6.56 17.77
CA ALA B 8 19.58 -5.27 18.17
C ALA B 8 19.60 -5.05 19.67
N GLY B 9 19.08 -6.01 20.43
CA GLY B 9 18.90 -5.82 21.85
C GLY B 9 17.67 -4.98 22.11
N ALA B 10 17.53 -4.55 23.36
CA ALA B 10 16.36 -3.80 23.78
C ALA B 10 16.39 -2.36 23.29
N ASP B 11 17.58 -1.75 23.29
CA ASP B 11 17.72 -0.34 23.00
C ASP B 11 17.92 -0.11 21.49
N ARG B 12 16.81 -0.07 20.76
CA ARG B 12 16.82 0.13 19.32
C ARG B 12 16.58 1.58 18.90
N ARG B 13 17.37 2.04 17.94
CA ARG B 13 17.14 3.35 17.36
C ARG B 13 15.89 3.34 16.48
N ILE B 14 15.28 4.52 16.36
CA ILE B 14 14.13 4.72 15.48
C ILE B 14 14.45 5.86 14.51
N PRO B 15 14.80 5.51 13.26
CA PRO B 15 15.14 6.53 12.25
C PRO B 15 13.93 7.40 12.00
N THR B 16 14.15 8.67 11.65
CA THR B 16 13.07 9.65 11.51
CA THR B 16 13.06 9.64 11.52
C THR B 16 11.96 9.17 10.58
N TRP B 17 12.34 8.57 9.44
CA TRP B 17 11.37 8.02 8.47
C TRP B 17 10.43 6.97 9.09
N ALA B 18 10.95 6.21 10.06
CA ALA B 18 10.25 5.08 10.65
C ALA B 18 9.42 5.45 11.88
N SER B 19 9.47 6.72 12.27
CA SER B 19 8.92 7.19 13.55
C SER B 19 7.45 6.83 13.78
N ARG B 20 6.62 7.20 12.82
CA ARG B 20 5.17 6.98 12.91
C ARG B 20 4.75 5.52 12.71
N VAL B 21 5.43 4.78 11.83
CA VAL B 21 5.06 3.35 11.64
C VAL B 21 5.39 2.55 12.89
N VAL B 22 6.55 2.82 13.47
CA VAL B 22 6.93 2.21 14.74
C VAL B 22 6.00 2.62 15.89
N SER B 23 5.65 3.91 15.98
CA SER B 23 4.72 4.34 17.02
C SER B 23 3.33 3.69 16.88
N GLY B 24 2.84 3.53 15.65
CA GLY B 24 1.57 2.84 15.42
C GLY B 24 1.58 1.38 15.88
N LEU B 25 2.66 0.68 15.55
CA LEU B 25 2.84 -0.70 15.96
C LEU B 25 2.96 -0.81 17.47
N ALA B 26 3.62 0.18 18.09
CA ALA B 26 3.80 0.20 19.53
C ALA B 26 2.46 0.47 20.23
N ARG B 27 1.64 1.34 19.65
CA ARG B 27 0.29 1.56 20.16
C ARG B 27 -0.61 0.32 19.98
N ASP B 28 -0.53 -0.29 18.81
CA ASP B 28 -1.47 -1.37 18.45
C ASP B 28 -1.05 -2.76 18.94
N ARG B 29 0.25 -2.99 19.07
CA ARG B 29 0.79 -4.31 19.48
C ARG B 29 0.08 -5.50 18.76
N PRO B 30 0.17 -5.57 17.42
CA PRO B 30 -0.46 -6.71 16.76
C PRO B 30 0.32 -8.01 17.11
N VAL B 31 -0.36 -9.15 17.13
CA VAL B 31 0.32 -10.44 17.42
C VAL B 31 1.32 -10.79 16.32
N VAL B 32 0.84 -10.72 15.08
CA VAL B 32 1.66 -10.97 13.92
C VAL B 32 1.36 -9.84 12.94
N VAL B 33 2.32 -9.45 12.12
CA VAL B 33 2.02 -8.52 11.03
CA VAL B 33 2.04 -8.50 11.05
C VAL B 33 2.36 -9.13 9.69
N THR B 34 1.44 -9.00 8.72
CA THR B 34 1.68 -9.47 7.38
C THR B 34 2.22 -8.33 6.54
N LYS B 35 2.66 -8.65 5.32
CA LYS B 35 3.14 -7.65 4.40
C LYS B 35 2.01 -6.62 4.14
N GLU B 36 0.79 -7.12 3.97
CA GLU B 36 -0.39 -6.31 3.71
C GLU B 36 -0.63 -5.33 4.88
N ASP B 37 -0.64 -5.85 6.12
CA ASP B 37 -0.77 -5.02 7.31
C ASP B 37 0.28 -3.93 7.30
N LEU B 38 1.55 -4.33 7.13
CA LEU B 38 2.68 -3.38 7.15
C LEU B 38 2.56 -2.32 6.05
N THR B 39 2.18 -2.77 4.86
CA THR B 39 1.95 -1.87 3.72
C THR B 39 0.92 -0.79 4.07
N GLN B 40 -0.24 -1.22 4.58
CA GLN B 40 -1.30 -0.33 5.05
C GLN B 40 -0.81 0.61 6.17
N ARG B 41 -0.02 0.06 7.10
CA ARG B 41 0.52 0.86 8.21
C ARG B 41 1.46 1.97 7.72
N LEU B 42 2.37 1.63 6.82
CA LEU B 42 3.25 2.63 6.17
C LEU B 42 2.48 3.74 5.49
N THR B 43 1.33 3.38 4.92
CA THR B 43 0.48 4.35 4.24
C THR B 43 -0.25 5.24 5.25
N GLU B 44 -0.91 4.62 6.25
CA GLU B 44 -1.54 5.35 7.35
C GLU B 44 -0.55 6.27 8.09
N ALA B 45 0.71 5.83 8.18
CA ALA B 45 1.80 6.63 8.79
C ALA B 45 2.28 7.76 7.88
N GLY B 46 1.64 7.92 6.72
CA GLY B 46 2.05 8.93 5.73
C GLY B 46 3.43 8.69 5.12
N CYS B 47 4.00 7.50 5.39
CA CYS B 47 5.28 7.09 4.86
C CYS B 47 5.09 6.50 3.47
N GLY B 48 5.77 7.06 2.49
CA GLY B 48 5.65 6.64 1.10
C GLY B 48 6.62 5.53 0.73
N ARG B 49 7.60 5.30 1.61
CA ARG B 49 8.68 4.35 1.36
CA ARG B 49 8.67 4.32 1.42
C ARG B 49 8.17 3.01 0.84
N ASP B 50 8.97 2.40 -0.04
CA ASP B 50 8.67 1.07 -0.60
C ASP B 50 8.58 -0.01 0.52
N PRO B 51 7.43 -0.72 0.62
CA PRO B 51 7.23 -1.68 1.70
C PRO B 51 8.35 -2.72 1.82
N ASP B 52 8.72 -3.38 0.73
CA ASP B 52 9.81 -4.38 0.76
C ASP B 52 11.06 -3.79 1.41
N SER B 53 11.37 -2.56 1.03
CA SER B 53 12.55 -1.84 1.49
C SER B 53 12.43 -1.39 2.95
N ALA B 54 11.29 -0.80 3.29
CA ALA B 54 11.04 -0.36 4.67
C ALA B 54 11.01 -1.55 5.62
N ILE B 55 10.43 -2.66 5.18
CA ILE B 55 10.40 -3.88 6.00
C ILE B 55 11.81 -4.45 6.24
N ARG B 56 12.57 -4.52 5.13
CA ARG B 56 14.00 -4.90 5.17
C ARG B 56 14.77 -4.14 6.25
N GLU B 57 14.58 -2.81 6.25
CA GLU B 57 15.31 -1.94 7.16
C GLU B 57 14.83 -2.09 8.60
N LEU B 58 13.52 -2.22 8.78
CA LEU B 58 12.95 -2.48 10.14
C LEU B 58 13.42 -3.81 10.72
N ARG B 59 13.59 -4.81 9.84
CA ARG B 59 14.20 -6.09 10.24
CA ARG B 59 14.21 -6.09 10.22
C ARG B 59 15.65 -5.89 10.66
N ARG B 60 16.43 -5.18 9.83
CA ARG B 60 17.85 -4.94 10.04
C ARG B 60 18.12 -4.25 11.37
N ILE B 61 17.31 -3.26 11.71
CA ILE B 61 17.51 -2.51 12.94
C ILE B 61 16.81 -3.14 14.13
N GLY B 62 15.99 -4.15 13.87
CA GLY B 62 15.60 -5.07 14.91
C GLY B 62 14.19 -4.92 15.40
N TRP B 63 13.38 -4.12 14.71
CA TRP B 63 12.00 -3.85 15.13
C TRP B 63 11.07 -4.97 14.65
N LEU B 64 11.43 -5.58 13.52
CA LEU B 64 10.65 -6.70 12.95
C LEU B 64 11.53 -7.95 12.87
N VAL B 65 10.99 -9.11 13.30
CA VAL B 65 11.65 -10.41 13.09
C VAL B 65 10.79 -11.30 12.16
N GLN B 66 11.42 -11.83 11.11
CA GLN B 66 10.78 -12.74 10.15
C GLN B 66 10.22 -13.96 10.86
N LEU B 67 8.98 -14.34 10.55
CA LEU B 67 8.44 -15.56 11.12
C LEU B 67 8.46 -16.65 10.04
N PRO B 68 8.20 -17.91 10.44
CA PRO B 68 8.33 -19.03 9.51
C PRO B 68 7.49 -18.97 8.22
N VAL B 69 6.26 -18.47 8.28
CA VAL B 69 5.41 -18.42 7.10
C VAL B 69 5.73 -17.18 6.27
N LYS B 70 5.85 -17.37 4.95
CA LYS B 70 6.26 -16.29 4.06
C LYS B 70 5.34 -15.08 4.23
N GLY B 71 5.94 -13.89 4.27
CA GLY B 71 5.17 -12.65 4.44
C GLY B 71 4.60 -12.41 5.83
N THR B 72 5.30 -12.87 6.86
CA THR B 72 4.88 -12.55 8.23
C THR B 72 6.09 -12.16 9.07
N TRP B 73 5.84 -11.29 10.06
CA TRP B 73 6.86 -10.79 10.95
C TRP B 73 6.26 -10.62 12.34
N ALA B 74 7.10 -10.67 13.36
CA ALA B 74 6.71 -10.28 14.69
C ALA B 74 7.28 -8.90 14.96
N PHE B 75 6.48 -8.02 15.58
CA PHE B 75 6.99 -6.71 16.01
C PHE B 75 7.50 -6.86 17.43
N ILE B 76 8.72 -6.38 17.68
CA ILE B 76 9.26 -6.44 19.02
C ILE B 76 9.00 -5.08 19.66
N PRO B 77 8.12 -5.02 20.67
CA PRO B 77 7.70 -3.72 21.20
C PRO B 77 8.84 -2.92 21.88
N PRO B 78 8.72 -1.57 21.90
CA PRO B 78 9.74 -0.76 22.56
C PRO B 78 9.92 -1.21 24.00
N GLY B 79 11.15 -1.21 24.46
CA GLY B 79 11.46 -1.58 25.82
C GLY B 79 11.67 -3.05 26.04
N GLU B 80 11.41 -3.88 25.04
CA GLU B 80 11.63 -5.33 25.21
C GLU B 80 12.68 -5.85 24.22
N ALA B 81 13.50 -6.78 24.70
CA ALA B 81 14.56 -7.43 23.92
C ALA B 81 14.00 -8.62 23.12
N ALA B 82 12.88 -9.16 23.57
CA ALA B 82 12.37 -10.43 23.03
C ALA B 82 10.88 -10.56 23.28
N ILE B 83 10.21 -11.45 22.54
CA ILE B 83 8.84 -11.85 22.84
C ILE B 83 8.88 -13.28 23.29
N SER B 84 8.14 -13.59 24.36
CA SER B 84 7.99 -14.97 24.80
CA SER B 84 7.99 -14.96 24.79
C SER B 84 6.65 -15.49 24.31
N ASP B 85 6.67 -16.38 23.34
CA ASP B 85 5.45 -16.96 22.82
C ASP B 85 5.94 -18.19 22.12
N PRO B 86 5.67 -19.38 22.67
CA PRO B 86 6.14 -20.61 22.03
C PRO B 86 5.47 -20.93 20.70
N TYR B 87 4.33 -20.31 20.41
CA TYR B 87 3.57 -20.68 19.24
C TYR B 87 3.56 -19.64 18.13
N LEU B 88 4.51 -18.70 18.14
CA LEU B 88 4.53 -17.72 17.05
C LEU B 88 4.53 -18.33 15.61
N PRO B 89 5.22 -19.47 15.40
CA PRO B 89 5.13 -20.06 14.04
C PRO B 89 3.70 -20.39 13.59
N LEU B 90 2.89 -20.86 14.51
CA LEU B 90 1.50 -21.20 14.22
C LEU B 90 0.60 -19.98 14.08
N ARG B 91 0.82 -18.96 14.93
CA ARG B 91 0.08 -17.69 14.74
C ARG B 91 0.47 -17.05 13.40
N SER B 92 1.72 -17.24 12.97
CA SER B 92 2.23 -16.78 11.65
C SER B 92 1.35 -17.34 10.54
N TRP B 93 0.99 -18.61 10.70
CA TRP B 93 0.17 -19.33 9.73
C TRP B 93 -1.26 -18.81 9.73
N LEU B 94 -1.85 -18.67 10.91
CA LEU B 94 -3.22 -18.11 11.02
C LEU B 94 -3.35 -16.71 10.42
N ALA B 95 -2.28 -15.92 10.51
CA ALA B 95 -2.26 -14.58 9.91
C ALA B 95 -2.37 -14.59 8.39
N ARG B 96 -1.86 -15.64 7.74
CA ARG B 96 -2.00 -15.74 6.29
C ARG B 96 -3.21 -16.60 5.90
N ASP B 97 -3.63 -17.50 6.79
CA ASP B 97 -4.79 -18.37 6.55
C ASP B 97 -5.56 -18.65 7.84
N GLN B 98 -6.65 -17.92 8.06
CA GLN B 98 -7.48 -18.12 9.26
C GLN B 98 -8.10 -19.52 9.31
N ASN B 99 -8.16 -20.20 8.17
CA ASN B 99 -8.74 -21.55 8.10
C ASN B 99 -7.66 -22.63 8.01
N ALA B 100 -6.44 -22.30 8.47
CA ALA B 100 -5.33 -23.26 8.54
C ALA B 100 -5.76 -24.63 9.05
N GLY B 101 -6.59 -24.66 10.09
CA GLY B 101 -7.25 -25.88 10.57
C GLY B 101 -6.43 -26.86 11.40
N PHE B 102 -5.26 -26.42 11.88
CA PHE B 102 -4.43 -27.26 12.77
C PHE B 102 -5.02 -27.24 14.17
N MET B 103 -4.64 -28.23 14.96
CA MET B 103 -4.89 -28.19 16.40
C MET B 103 -3.63 -28.60 17.15
N LEU B 104 -3.27 -27.89 18.23
CA LEU B 104 -2.15 -28.34 19.05
C LEU B 104 -2.45 -29.78 19.48
N ALA B 105 -1.45 -30.65 19.43
CA ALA B 105 -1.64 -32.07 19.71
C ALA B 105 -0.59 -32.59 20.72
N GLY B 106 -0.59 -33.89 20.97
CA GLY B 106 0.46 -34.54 21.69
C GLY B 106 0.87 -33.76 22.92
N ALA B 107 2.17 -33.54 23.07
CA ALA B 107 2.72 -32.91 24.24
C ALA B 107 2.17 -31.51 24.53
N SER B 108 1.87 -30.71 23.51
CA SER B 108 1.34 -29.36 23.75
C SER B 108 -0.06 -29.38 24.33
N ALA B 109 -0.91 -30.25 23.77
CA ALA B 109 -2.25 -30.44 24.28
C ALA B 109 -2.21 -30.99 25.70
N ALA B 110 -1.36 -32.00 25.92
CA ALA B 110 -1.19 -32.61 27.27
C ALA B 110 -0.71 -31.59 28.27
N TRP B 111 0.23 -30.76 27.84
CA TRP B 111 0.77 -29.70 28.71
C TRP B 111 -0.33 -28.73 29.19
N HIS B 112 -1.10 -28.15 28.26
CA HIS B 112 -2.20 -27.23 28.63
C HIS B 112 -3.36 -27.89 29.33
N LEU B 113 -3.57 -29.17 29.05
CA LEU B 113 -4.61 -29.92 29.79
C LEU B 113 -4.19 -30.31 31.22
N GLY B 114 -2.90 -30.25 31.50
CA GLY B 114 -2.44 -30.40 32.91
C GLY B 114 -1.72 -31.69 33.21
N TYR B 115 -1.39 -32.44 32.16
CA TYR B 115 -0.89 -33.80 32.37
C TYR B 115 0.65 -34.00 32.32
N LEU B 116 1.42 -32.92 32.22
CA LEU B 116 2.88 -33.02 32.21
C LEU B 116 3.52 -32.14 33.26
N ASP B 117 4.50 -32.66 33.97
CA ASP B 117 5.32 -31.86 34.89
C ASP B 117 6.15 -30.79 34.17
N ARG B 118 6.62 -31.09 32.97
CA ARG B 118 7.60 -30.24 32.29
C ARG B 118 7.00 -29.61 31.04
N GLN B 119 7.28 -28.32 30.84
CA GLN B 119 6.85 -27.67 29.61
C GLN B 119 7.57 -28.36 28.48
N PRO B 120 6.81 -28.87 27.50
CA PRO B 120 7.54 -29.52 26.43
C PRO B 120 8.31 -28.51 25.59
N ASP B 121 9.39 -28.99 24.99
CA ASP B 121 10.14 -28.19 24.06
C ASP B 121 10.36 -28.99 22.76
N GLY B 122 11.05 -28.36 21.83
CA GLY B 122 11.19 -28.93 20.50
C GLY B 122 10.11 -28.40 19.58
N ARG B 123 9.95 -29.10 18.46
CA ARG B 123 8.94 -28.80 17.47
C ARG B 123 7.57 -28.89 18.12
N ILE B 124 6.69 -28.00 17.66
CA ILE B 124 5.32 -27.93 18.15
C ILE B 124 4.52 -29.06 17.48
N PRO B 125 4.01 -30.00 18.31
CA PRO B 125 3.18 -31.07 17.78
C PRO B 125 1.78 -30.55 17.45
N ILE B 126 1.36 -30.78 16.20
CA ILE B 126 0.02 -30.41 15.76
C ILE B 126 -0.68 -31.57 15.07
N TRP B 127 -2.01 -31.53 15.03
CA TRP B 127 -2.80 -32.42 14.23
C TRP B 127 -3.24 -31.59 13.04
N LEU B 128 -3.25 -32.20 11.85
CA LEU B 128 -3.85 -31.60 10.67
C LEU B 128 -4.78 -32.60 10.05
N PRO B 129 -5.88 -32.13 9.43
CA PRO B 129 -6.74 -33.02 8.68
C PRO B 129 -5.92 -33.64 7.57
N PRO B 130 -6.32 -34.83 7.07
CA PRO B 130 -5.58 -35.57 6.05
C PRO B 130 -5.23 -34.79 4.79
N ALA B 131 -6.07 -33.84 4.40
CA ALA B 131 -5.85 -33.14 3.15
C ALA B 131 -5.18 -31.78 3.25
N LYS B 132 -4.95 -31.27 4.48
CA LYS B 132 -4.47 -29.91 4.64
C LYS B 132 -2.96 -29.79 4.43
N ARG B 133 -2.56 -28.97 3.47
CA ARG B 133 -1.15 -28.77 3.15
C ARG B 133 -0.47 -27.94 4.24
N LEU B 134 0.73 -28.37 4.63
CA LEU B 134 1.58 -27.60 5.52
C LEU B 134 2.34 -26.58 4.70
N PRO B 135 2.30 -25.28 5.10
CA PRO B 135 3.05 -24.24 4.41
C PRO B 135 4.55 -24.48 4.44
N ASP B 136 5.22 -24.09 3.38
CA ASP B 136 6.68 -24.04 3.34
C ASP B 136 7.17 -23.27 4.55
N GLY B 137 8.27 -23.72 5.13
CA GLY B 137 8.89 -22.99 6.23
C GLY B 137 8.39 -23.39 7.59
N LEU B 138 7.25 -24.09 7.65
CA LEU B 138 6.75 -24.55 8.94
C LEU B 138 7.30 -25.90 9.37
N ALA B 139 7.74 -26.72 8.41
CA ALA B 139 8.10 -28.12 8.70
C ALA B 139 9.16 -28.20 9.77
N SER B 140 10.10 -27.26 9.73
CA SER B 140 11.15 -27.15 10.70
C SER B 140 10.70 -26.78 12.12
N TYR B 141 9.45 -26.32 12.27
CA TYR B 141 8.96 -25.82 13.57
C TYR B 141 7.89 -26.71 14.18
N VAL B 142 7.36 -27.65 13.40
CA VAL B 142 6.24 -28.50 13.85
C VAL B 142 6.50 -29.99 13.64
N SER B 143 5.71 -30.82 14.30
CA SER B 143 5.65 -32.24 14.03
C SER B 143 4.18 -32.55 13.81
N VAL B 144 3.82 -32.92 12.59
CA VAL B 144 2.39 -33.17 12.23
C VAL B 144 1.97 -34.62 12.47
N VAL B 145 0.84 -34.80 13.17
CA VAL B 145 0.16 -36.10 13.28
C VAL B 145 -1.14 -36.01 12.50
N ARG B 146 -1.46 -37.05 11.71
CA ARG B 146 -2.66 -36.94 10.89
C ARG B 146 -3.70 -38.03 11.12
N ILE B 147 -4.04 -38.27 12.38
CA ILE B 147 -5.13 -39.20 12.69
C ILE B 147 -6.27 -38.87 11.73
N PRO B 148 -6.72 -39.87 10.95
CA PRO B 148 -7.70 -39.56 9.90
C PRO B 148 -9.11 -39.20 10.36
N TRP B 149 -9.26 -38.39 11.40
CA TRP B 149 -10.58 -37.95 11.85
C TRP B 149 -11.32 -37.14 10.77
N ASN B 150 -12.65 -37.36 10.69
CA ASN B 150 -13.56 -36.53 9.85
C ASN B 150 -13.32 -35.06 10.20
N ALA B 151 -12.85 -34.28 9.22
CA ALA B 151 -12.29 -32.94 9.50
C ALA B 151 -13.36 -31.92 9.90
N ALA B 152 -14.58 -32.14 9.41
CA ALA B 152 -15.71 -31.24 9.71
C ALA B 152 -16.00 -31.15 11.22
N ASP B 153 -15.80 -32.26 11.93
CA ASP B 153 -16.11 -32.34 13.37
C ASP B 153 -14.88 -32.21 14.28
N THR B 154 -14.37 -30.98 14.35
CA THR B 154 -13.26 -30.57 15.21
C THR B 154 -13.88 -30.09 16.53
N ALA B 155 -15.22 -30.05 16.50
CA ALA B 155 -16.04 -29.90 17.69
C ALA B 155 -15.78 -31.09 18.59
N LEU B 156 -15.61 -32.26 18.00
CA LEU B 156 -15.39 -33.44 18.80
C LEU B 156 -13.94 -33.63 19.23
N LEU B 157 -13.02 -32.97 18.54
CA LEU B 157 -11.59 -33.07 18.88
C LEU B 157 -11.19 -32.18 20.04
N ALA B 158 -11.76 -30.97 20.09
CA ALA B 158 -11.52 -30.02 21.18
C ALA B 158 -12.07 -30.57 22.48
N PRO B 159 -11.57 -30.08 23.62
CA PRO B 159 -12.17 -30.53 24.87
C PRO B 159 -13.63 -30.11 24.99
N ARG B 160 -14.43 -30.93 25.67
CA ARG B 160 -15.79 -30.55 26.01
C ARG B 160 -15.71 -29.25 26.82
N PRO B 161 -16.46 -28.21 26.39
CA PRO B 161 -16.50 -26.97 27.18
C PRO B 161 -16.78 -27.21 28.68
N ALA B 162 -17.73 -28.11 28.99
CA ALA B 162 -18.06 -28.46 30.38
C ALA B 162 -16.86 -28.99 31.14
N LEU B 163 -16.00 -29.73 30.45
CA LEU B 163 -14.76 -30.21 31.08
C LEU B 163 -13.86 -29.01 31.41
N LEU B 164 -13.67 -28.12 30.44
CA LEU B 164 -12.85 -26.93 30.69
C LEU B 164 -13.32 -26.21 31.93
N VAL B 165 -14.64 -25.99 32.04
CA VAL B 165 -15.22 -25.32 33.20
C VAL B 165 -14.86 -26.06 34.51
N ARG B 166 -15.06 -27.37 34.52
CA ARG B 166 -14.72 -28.20 35.69
C ARG B 166 -13.24 -28.09 36.04
N ARG B 167 -12.41 -27.97 35.01
CA ARG B 167 -10.94 -27.99 35.17
C ARG B 167 -10.36 -26.60 35.47
N ARG B 168 -11.25 -25.60 35.57
CA ARG B 168 -10.93 -24.19 35.81
C ARG B 168 -10.09 -23.59 34.70
N LEU B 169 -10.31 -24.05 33.46
CA LEU B 169 -9.52 -23.59 32.34
C LEU B 169 -10.37 -22.67 31.51
N ASP B 170 -9.75 -21.64 30.93
CA ASP B 170 -10.50 -20.65 30.17
C ASP B 170 -11.12 -21.30 28.93
N LEU B 171 -12.36 -20.98 28.60
CA LEU B 171 -13.03 -21.68 27.50
C LEU B 171 -12.39 -21.42 26.14
N VAL B 172 -11.68 -20.31 26.03
CA VAL B 172 -11.04 -20.02 24.75
CA VAL B 172 -11.05 -19.88 24.77
C VAL B 172 -9.53 -19.88 24.87
N ALA B 173 -9.04 -19.45 26.03
CA ALA B 173 -7.60 -19.15 26.16
C ALA B 173 -6.72 -20.22 26.81
N TRP B 174 -7.30 -21.38 27.11
CA TRP B 174 -6.61 -22.40 27.89
C TRP B 174 -5.36 -22.93 27.21
N ALA B 175 -5.35 -22.92 25.87
CA ALA B 175 -4.14 -23.29 25.11
C ALA B 175 -3.52 -22.04 24.44
N THR B 176 -3.52 -20.92 25.17
CA THR B 176 -3.02 -19.61 24.73
C THR B 176 -3.74 -19.02 23.53
N GLY B 177 -4.96 -19.45 23.26
CA GLY B 177 -5.74 -18.86 22.18
C GLY B 177 -5.75 -19.67 20.91
N LEU B 178 -4.99 -20.77 20.91
CA LEU B 178 -4.91 -21.64 19.73
C LEU B 178 -5.83 -22.83 19.96
N PRO B 179 -6.38 -23.42 18.88
CA PRO B 179 -7.18 -24.64 19.01
C PRO B 179 -6.28 -25.79 19.43
N ALA B 180 -6.78 -26.68 20.28
CA ALA B 180 -5.99 -27.77 20.83
C ALA B 180 -6.87 -28.99 21.06
N LEU B 181 -6.29 -30.17 20.87
CA LEU B 181 -7.02 -31.41 21.16
C LEU B 181 -7.44 -31.46 22.61
N GLY B 182 -8.61 -32.04 22.87
CA GLY B 182 -9.02 -32.33 24.25
C GLY B 182 -8.45 -33.66 24.78
N PRO B 183 -8.80 -34.03 26.03
CA PRO B 183 -8.26 -35.30 26.57
C PRO B 183 -8.61 -36.54 25.77
N GLU B 184 -9.81 -36.64 25.21
CA GLU B 184 -10.18 -37.82 24.46
C GLU B 184 -9.42 -37.88 23.15
N ALA B 185 -9.34 -36.78 22.43
CA ALA B 185 -8.60 -36.80 21.18
C ALA B 185 -7.11 -37.03 21.45
N LEU B 186 -6.59 -36.51 22.57
CA LEU B 186 -5.20 -36.75 22.91
C LEU B 186 -4.97 -38.25 23.22
N LEU B 187 -5.83 -38.86 24.03
CA LEU B 187 -5.67 -40.26 24.39
C LEU B 187 -5.76 -41.09 23.10
N VAL B 188 -6.75 -40.80 22.27
CA VAL B 188 -6.91 -41.55 21.03
C VAL B 188 -5.72 -41.35 20.10
N GLN B 189 -5.16 -40.14 20.05
CA GLN B 189 -3.99 -39.89 19.18
C GLN B 189 -2.83 -40.74 19.63
N ILE B 190 -2.55 -40.73 20.94
CA ILE B 190 -1.36 -41.45 21.44
C ILE B 190 -1.55 -42.99 21.52
N ALA B 191 -2.79 -43.44 21.63
CA ALA B 191 -3.10 -44.85 21.47
C ALA B 191 -2.99 -45.28 20.01
N THR B 192 -3.46 -44.42 19.11
CA THR B 192 -3.41 -44.78 17.69
C THR B 192 -1.97 -44.79 17.20
N ARG B 193 -1.22 -43.75 17.55
CA ARG B 193 0.18 -43.61 17.08
C ARG B 193 1.10 -43.24 18.24
N PRO B 194 1.52 -44.22 19.07
CA PRO B 194 2.35 -43.93 20.26
C PRO B 194 3.64 -43.22 19.90
N ALA B 195 4.16 -43.49 18.71
CA ALA B 195 5.42 -42.87 18.28
C ALA B 195 5.23 -41.41 17.97
N SER B 196 3.97 -40.95 17.87
CA SER B 196 3.67 -39.54 17.51
C SER B 196 3.85 -38.65 18.74
N PHE B 197 3.95 -39.28 19.90
CA PHE B 197 4.02 -38.54 21.16
C PHE B 197 5.38 -38.68 21.81
N GLY B 198 5.96 -37.56 22.20
CA GLY B 198 7.34 -37.61 22.73
C GLY B 198 7.49 -37.96 24.22
N PRO B 199 7.01 -37.09 25.12
CA PRO B 199 7.33 -37.24 26.55
C PRO B 199 6.47 -38.25 27.33
N TRP B 200 6.47 -39.51 26.90
CA TRP B 200 5.75 -40.55 27.61
C TRP B 200 6.14 -40.67 29.09
N ALA B 201 7.42 -40.55 29.40
CA ALA B 201 7.86 -40.64 30.79
C ALA B 201 7.20 -39.58 31.66
N ASP B 202 6.98 -38.40 31.08
CA ASP B 202 6.34 -37.28 31.78
CA ASP B 202 6.33 -37.31 31.80
C ASP B 202 4.80 -37.45 31.87
N LEU B 203 4.22 -38.12 30.90
CA LEU B 203 2.77 -38.33 30.87
C LEU B 203 2.32 -39.49 31.76
N VAL B 204 3.04 -40.60 31.72
CA VAL B 204 2.56 -41.83 32.38
C VAL B 204 2.16 -41.69 33.85
N PRO B 205 2.89 -40.87 34.66
CA PRO B 205 2.49 -40.72 36.06
C PRO B 205 1.09 -40.10 36.24
N HIS B 206 0.57 -39.50 35.17
CA HIS B 206 -0.65 -38.71 35.29
C HIS B 206 -1.79 -39.32 34.50
N LEU B 207 -1.70 -40.62 34.16
CA LEU B 207 -2.79 -41.26 33.38
C LEU B 207 -4.06 -41.22 34.17
N ASP B 208 -3.98 -41.33 35.50
CA ASP B 208 -5.19 -41.19 36.33
C ASP B 208 -5.94 -39.89 36.09
N ASP B 209 -5.19 -38.81 35.97
CA ASP B 209 -5.72 -37.47 35.77
C ASP B 209 -6.33 -37.40 34.37
N LEU B 210 -5.59 -37.89 33.37
CA LEU B 210 -6.12 -37.91 32.00
C LEU B 210 -7.43 -38.71 31.89
N VAL B 211 -7.46 -39.89 32.51
CA VAL B 211 -8.54 -40.84 32.26
C VAL B 211 -9.83 -40.34 32.90
N ALA B 212 -9.68 -39.64 34.03
CA ALA B 212 -10.83 -39.05 34.68
C ALA B 212 -11.47 -37.94 33.86
N ASP B 213 -10.72 -37.37 32.91
CA ASP B 213 -11.25 -36.26 32.09
C ASP B 213 -11.84 -36.73 30.78
N CYS B 214 -11.86 -38.05 30.54
CA CYS B 214 -12.29 -38.53 29.24
C CYS B 214 -13.69 -39.08 29.36
N SER B 215 -14.55 -38.67 28.44
CA SER B 215 -15.87 -39.25 28.27
C SER B 215 -15.73 -40.50 27.41
N ASP B 216 -16.22 -41.64 27.91
CA ASP B 216 -16.07 -42.88 27.14
C ASP B 216 -16.83 -42.83 25.81
N GLU B 217 -17.91 -42.06 25.77
CA GLU B 217 -18.70 -41.96 24.55
C GLU B 217 -17.89 -41.19 23.49
N ARG B 218 -17.20 -40.14 23.92
CA ARG B 218 -16.27 -39.37 23.09
C ARG B 218 -15.09 -40.23 22.64
N LEU B 219 -14.50 -41.02 23.55
CA LEU B 219 -13.43 -41.94 23.14
C LEU B 219 -13.92 -42.87 22.06
N GLU B 220 -15.13 -43.42 22.23
CA GLU B 220 -15.60 -44.38 21.26
C GLU B 220 -15.81 -43.73 19.90
N ARG B 221 -16.32 -42.50 19.92
CA ARG B 221 -16.55 -41.75 18.69
CA ARG B 221 -16.54 -41.68 18.72
C ARG B 221 -15.22 -41.49 17.98
N LEU B 222 -14.21 -41.06 18.71
CA LEU B 222 -12.90 -40.76 18.13
C LEU B 222 -12.08 -42.01 17.73
N LEU B 223 -12.38 -43.15 18.34
CA LEU B 223 -11.74 -44.43 17.98
C LEU B 223 -12.40 -45.05 16.79
N SER B 224 -13.61 -44.60 16.48
CA SER B 224 -14.42 -45.27 15.48
C SER B 224 -13.76 -45.09 14.13
N GLY B 225 -13.24 -46.20 13.57
CA GLY B 225 -12.56 -46.18 12.27
C GLY B 225 -11.07 -46.38 12.42
N ARG B 226 -10.54 -46.28 13.64
CA ARG B 226 -9.12 -46.55 13.90
C ARG B 226 -8.88 -48.07 13.84
N PRO B 227 -7.63 -48.48 13.60
CA PRO B 227 -7.33 -49.91 13.67
C PRO B 227 -7.66 -50.47 15.05
N THR B 228 -7.89 -51.78 15.12
CA THR B 228 -8.08 -52.46 16.40
C THR B 228 -6.96 -52.16 17.43
N SER B 229 -5.71 -52.08 16.96
CA SER B 229 -4.58 -51.74 17.84
C SER B 229 -4.81 -50.46 18.66
N ALA B 230 -5.44 -49.47 18.05
CA ALA B 230 -5.79 -48.23 18.73
C ALA B 230 -6.77 -48.49 19.88
N TRP B 231 -7.78 -49.32 19.65
CA TRP B 231 -8.71 -49.66 20.71
C TRP B 231 -8.05 -50.41 21.87
N GLN B 232 -7.19 -51.36 21.54
CA GLN B 232 -6.52 -52.14 22.56
C GLN B 232 -5.69 -51.24 23.41
N ARG B 233 -4.87 -50.39 22.76
CA ARG B 233 -4.02 -49.44 23.50
C ARG B 233 -4.80 -48.40 24.28
N ALA B 234 -5.88 -47.87 23.70
CA ALA B 234 -6.66 -46.84 24.40
C ALA B 234 -7.36 -47.43 25.62
N SER B 235 -7.91 -48.63 25.46
CA SER B 235 -8.54 -49.34 26.54
C SER B 235 -7.57 -49.67 27.65
N TYR B 236 -6.37 -50.05 27.25
CA TYR B 236 -5.31 -50.34 28.20
C TYR B 236 -4.84 -49.08 28.97
N LEU B 237 -4.87 -47.94 28.30
CA LEU B 237 -4.63 -46.67 29.00
C LEU B 237 -5.72 -46.39 30.05
N LEU B 238 -7.00 -46.64 29.73
CA LEU B 238 -8.01 -46.52 30.76
C LEU B 238 -7.67 -47.43 31.94
N ASP B 239 -7.38 -48.69 31.65
CA ASP B 239 -6.98 -49.66 32.66
C ASP B 239 -5.79 -49.10 33.50
N SER B 240 -4.75 -48.64 32.82
CA SER B 240 -3.58 -48.05 33.46
C SER B 240 -3.87 -46.78 34.30
N GLY B 241 -4.90 -46.03 33.91
CA GLY B 241 -5.27 -44.83 34.65
C GLY B 241 -6.20 -45.17 35.82
N GLY B 242 -6.27 -46.45 36.16
CA GLY B 242 -7.04 -46.90 37.30
C GLY B 242 -8.47 -47.26 37.02
N GLU B 243 -8.83 -47.46 35.75
CA GLU B 243 -10.23 -47.75 35.38
C GLU B 243 -10.38 -49.01 34.52
N PRO B 244 -10.07 -50.20 35.09
CA PRO B 244 -10.09 -51.42 34.32
C PRO B 244 -11.49 -51.76 33.75
N ALA B 245 -12.55 -51.51 34.51
CA ALA B 245 -13.91 -51.80 34.03
C ALA B 245 -14.26 -50.93 32.82
N ARG B 246 -13.93 -49.63 32.88
CA ARG B 246 -14.12 -48.75 31.73
C ARG B 246 -13.31 -49.20 30.51
N GLY B 247 -12.06 -49.59 30.75
CA GLY B 247 -11.18 -50.06 29.70
C GLY B 247 -11.79 -51.28 29.00
N GLN B 248 -12.28 -52.23 29.79
CA GLN B 248 -12.80 -53.46 29.21
C GLN B 248 -14.12 -53.21 28.45
N ALA B 249 -14.94 -52.30 28.99
CA ALA B 249 -16.18 -51.91 28.32
C ALA B 249 -15.94 -51.14 27.01
N LEU B 250 -14.95 -50.25 26.99
CA LEU B 250 -14.57 -49.58 25.73
C LEU B 250 -14.09 -50.60 24.68
N LEU B 251 -13.24 -51.53 25.11
CA LEU B 251 -12.64 -52.48 24.19
C LEU B 251 -13.71 -53.35 23.53
N ALA B 252 -14.72 -53.76 24.30
CA ALA B 252 -15.83 -54.56 23.78
C ALA B 252 -16.63 -53.82 22.70
N LYS B 253 -16.40 -52.52 22.52
CA LYS B 253 -17.13 -51.77 21.50
C LYS B 253 -16.38 -51.64 20.17
N ARG B 254 -15.22 -52.29 20.07
CA ARG B 254 -14.38 -52.24 18.84
C ARG B 254 -15.14 -52.86 17.67
N HIS B 255 -14.69 -52.60 16.44
CA HIS B 255 -15.38 -53.11 15.26
C HIS B 255 -14.97 -54.54 14.89
N THR B 256 -13.71 -54.92 15.14
CA THR B 256 -13.21 -56.25 14.83
C THR B 256 -13.25 -57.19 16.04
N GLU B 257 -13.95 -58.33 15.92
CA GLU B 257 -14.06 -59.27 17.05
C GLU B 257 -12.73 -59.86 17.47
N VAL B 258 -11.97 -60.37 16.52
CA VAL B 258 -10.73 -61.05 16.88
C VAL B 258 -9.53 -60.10 16.87
N MET B 259 -8.93 -59.97 18.04
CA MET B 259 -7.83 -59.04 18.22
C MET B 259 -6.51 -59.77 18.04
N PRO B 260 -5.68 -59.30 17.09
CA PRO B 260 -4.31 -59.76 17.02
C PRO B 260 -3.58 -59.21 18.23
N VAL B 261 -2.44 -59.81 18.56
CA VAL B 261 -1.62 -59.24 19.62
C VAL B 261 -1.04 -57.93 19.09
N THR B 262 -1.19 -56.86 19.87
CA THR B 262 -0.54 -55.58 19.58
C THR B 262 0.51 -55.27 20.65
N ARG B 263 1.55 -54.52 20.24
CA ARG B 263 2.56 -54.05 21.15
C ARG B 263 2.22 -52.61 21.50
N PHE B 264 2.47 -52.21 22.74
CA PHE B 264 2.45 -50.79 23.10
C PHE B 264 3.89 -50.35 23.25
N THR B 265 4.40 -49.65 22.24
CA THR B 265 5.80 -49.33 22.15
C THR B 265 6.01 -48.09 21.26
N THR B 266 7.10 -47.36 21.49
CA THR B 266 7.39 -46.20 20.62
C THR B 266 8.42 -46.58 19.57
N ALA B 267 8.98 -47.76 19.75
CA ALA B 267 10.00 -48.34 18.88
C ALA B 267 10.36 -49.69 19.49
N HIS B 268 9.84 -50.76 18.88
CA HIS B 268 10.12 -52.11 19.36
C HIS B 268 11.61 -52.49 19.25
N SER B 269 12.28 -52.65 20.41
CA SER B 269 13.74 -52.93 20.47
C SER B 269 14.38 -52.75 21.87
N GLY B 273 14.95 -53.85 26.88
CA GLY B 273 13.56 -53.42 27.05
C GLY B 273 12.70 -54.43 27.79
N GLU B 274 12.01 -53.95 28.82
CA GLU B 274 11.14 -54.78 29.67
C GLU B 274 9.67 -54.76 29.17
N SER B 275 8.89 -55.83 29.40
CA SER B 275 7.50 -55.91 28.91
C SER B 275 6.48 -56.67 29.78
N VAL B 276 5.21 -56.26 29.70
CA VAL B 276 4.14 -56.81 30.51
C VAL B 276 3.04 -57.31 29.58
N TRP B 277 2.48 -58.47 29.88
CA TRP B 277 1.43 -59.05 29.06
C TRP B 277 0.08 -58.79 29.68
N ALA B 278 -0.84 -58.25 28.86
CA ALA B 278 -2.22 -58.01 29.28
C ALA B 278 -3.22 -58.72 28.34
N PRO B 279 -3.51 -60.01 28.62
CA PRO B 279 -4.37 -60.80 27.76
C PRO B 279 -5.77 -60.19 27.54
N GLU B 280 -6.26 -59.42 28.52
CA GLU B 280 -7.58 -58.77 28.45
C GLU B 280 -7.68 -57.82 27.24
N TYR B 281 -6.54 -57.23 26.89
CA TYR B 281 -6.44 -56.29 25.78
C TYR B 281 -5.63 -56.88 24.64
N GLN B 282 -5.22 -58.14 24.78
CA GLN B 282 -4.33 -58.80 23.81
C GLN B 282 -3.16 -57.86 23.48
N LEU B 283 -2.51 -57.39 24.55
CA LEU B 283 -1.51 -56.35 24.40
C LEU B 283 -0.25 -56.66 25.17
N VAL B 284 0.89 -56.45 24.51
CA VAL B 284 2.19 -56.51 25.14
C VAL B 284 2.65 -55.08 25.41
N ASP B 285 2.75 -54.73 26.69
CA ASP B 285 3.09 -53.36 27.04
C ASP B 285 4.60 -53.27 27.19
N GLU B 286 5.25 -52.62 26.22
CA GLU B 286 6.69 -52.32 26.30
C GLU B 286 6.97 -50.89 26.72
N LEU B 287 5.96 -50.15 27.18
CA LEU B 287 6.08 -48.70 27.33
C LEU B 287 5.61 -48.14 28.66
N VAL B 288 4.35 -48.37 28.99
CA VAL B 288 3.71 -47.67 30.11
C VAL B 288 4.17 -48.21 31.46
N VAL B 289 3.94 -49.50 31.71
CA VAL B 289 4.37 -50.10 32.98
C VAL B 289 5.91 -50.10 33.11
N PRO B 290 6.63 -50.53 32.06
CA PRO B 290 8.10 -50.36 32.11
C PRO B 290 8.58 -48.93 32.47
N LEU B 291 7.94 -47.90 31.93
CA LEU B 291 8.30 -46.52 32.31
C LEU B 291 7.95 -46.25 33.76
N LEU B 292 6.75 -46.62 34.18
CA LEU B 292 6.34 -46.46 35.58
C LEU B 292 7.32 -47.14 36.56
N ARG B 293 7.82 -48.33 36.21
CA ARG B 293 8.82 -49.01 37.03
C ARG B 293 10.16 -48.23 37.12
N VAL B 294 10.66 -47.73 36.00
CA VAL B 294 11.88 -46.92 35.98
C VAL B 294 11.70 -45.69 36.88
N ILE B 295 10.60 -44.99 36.66
CA ILE B 295 10.25 -43.77 37.40
C ILE B 295 10.14 -44.06 38.89
N GLY B 296 9.58 -45.21 39.23
CA GLY B 296 9.51 -45.66 40.62
C GLY B 296 10.84 -45.60 41.37
N LYS B 297 11.91 -46.05 40.71
CA LYS B 297 13.26 -46.08 41.31
C LYS B 297 13.90 -44.69 41.46
N ALA B 298 13.35 -43.70 40.77
CA ALA B 298 13.80 -42.31 40.93
C ALA B 298 13.22 -41.72 42.23
#